data_6MGB
#
_entry.id   6MGB
#
_cell.length_a   50.020
_cell.length_b   65.540
_cell.length_c   121.080
_cell.angle_alpha   90.00
_cell.angle_beta   90.00
_cell.angle_gamma   90.00
#
_symmetry.space_group_name_H-M   'P 21 21 21'
#
loop_
_entity.id
_entity.type
_entity.pdbx_description
1 polymer 'Capsular polysaccharide export system protein KpsC'
2 non-polymer 'CHLORIDE ION'
3 non-polymer 'MAGNESIUM ION'
4 non-polymer "CYTIDINE-5'-MONOPHOSPHATE"
5 water water
#
_entity_poly.entity_id   1
_entity_poly.type   'polypeptide(L)'
_entity_poly.pdbx_seq_one_letter_code
;MGHHHHHHMPVGVFSRQILKNVPHLEVFLEDSVVYKPKGPEGLSAVAGWGYKSTARKAMQKAREWRLPYLALEDGFLRSV
GLGHEAPPLSLIVDPVGIYYDATRPSLLENLLNFGGWETPELMDQAERALKLIRDHKISKYNRGKPVPRGYFTPYRERVL
LIDQTYGDMSVRLGLADEDTFREMYFAALEENPGAEIYVKVHPEVIVGRKKGYLARMKLHRSVKVIREEFNPVDLLSHFD
RIYTVSSQMGFEGLMLGKEVICFGMPFYAGWGLTRDGKRCERRKRRRTLLELFAAAYLLYPRYINPATGKPGNIFDVINH
LIGGKG
;
_entity_poly.pdbx_strand_id   A
#
# COMPACT_ATOMS: atom_id res chain seq x y z
N HIS A 3 -30.36 9.18 17.38
CA HIS A 3 -29.29 9.35 18.36
C HIS A 3 -28.93 8.00 19.00
N HIS A 4 -29.87 7.05 18.93
CA HIS A 4 -29.62 5.72 19.45
C HIS A 4 -28.50 5.01 18.69
N HIS A 5 -28.33 5.33 17.41
CA HIS A 5 -27.44 4.58 16.54
C HIS A 5 -26.10 5.27 16.35
N HIS A 6 -25.82 6.32 17.10
CA HIS A 6 -24.56 7.04 17.03
C HIS A 6 -24.15 7.43 18.44
N HIS A 7 -22.91 7.88 18.57
CA HIS A 7 -22.37 8.26 19.87
C HIS A 7 -21.51 9.51 19.69
N HIS A 8 -21.10 10.08 20.83
CA HIS A 8 -20.24 11.25 20.86
C HIS A 8 -18.89 10.90 21.50
N MET A 9 -18.47 9.64 21.39
CA MET A 9 -17.24 9.18 22.01
C MET A 9 -16.11 9.27 21.00
N PRO A 10 -15.16 10.19 21.16
CA PRO A 10 -14.15 10.43 20.11
C PRO A 10 -13.05 9.36 20.12
N VAL A 11 -12.15 9.49 19.15
CA VAL A 11 -10.98 8.63 19.03
C VAL A 11 -9.77 9.38 19.58
N GLY A 12 -9.02 8.73 20.46
CA GLY A 12 -7.83 9.33 21.03
C GLY A 12 -6.62 9.13 20.15
N VAL A 13 -5.79 10.18 20.05
CA VAL A 13 -4.51 10.11 19.38
C VAL A 13 -3.46 10.71 20.29
N PHE A 14 -2.21 10.29 20.08
CA PHE A 14 -1.09 10.75 20.88
C PHE A 14 -0.04 11.45 20.03
N SER A 15 -0.45 12.01 18.91
CA SER A 15 0.43 12.78 18.04
C SER A 15 -0.41 13.80 17.29
N ARG A 16 -0.04 15.08 17.38
CA ARG A 16 -0.71 16.10 16.60
C ARG A 16 -0.33 16.06 15.12
N GLN A 17 0.66 15.25 14.76
CA GLN A 17 1.08 15.20 13.37
CA GLN A 17 1.10 15.15 13.37
C GLN A 17 0.04 14.56 12.47
N ILE A 18 -0.84 13.71 13.01
CA ILE A 18 -1.86 13.07 12.18
C ILE A 18 -2.80 14.13 11.62
N LEU A 19 -3.38 14.95 12.50
CA LEU A 19 -4.32 15.97 12.04
C LEU A 19 -3.62 17.03 11.20
N LYS A 20 -2.32 17.24 11.43
CA LYS A 20 -1.56 18.18 10.60
C LYS A 20 -1.47 17.68 9.17
N ASN A 21 -1.05 16.42 8.99
CA ASN A 21 -0.89 15.87 7.65
C ASN A 21 -2.22 15.49 7.00
N VAL A 22 -3.28 15.34 7.79
CA VAL A 22 -4.58 14.91 7.26
C VAL A 22 -5.66 15.81 7.85
N PRO A 23 -5.81 17.03 7.35
CA PRO A 23 -6.83 17.94 7.92
C PRO A 23 -8.23 17.36 7.93
N HIS A 24 -8.59 16.55 6.94
CA HIS A 24 -9.91 15.90 6.90
C HIS A 24 -9.95 14.61 7.70
N LEU A 25 -9.06 14.45 8.70
CA LEU A 25 -8.99 13.21 9.46
C LEU A 25 -10.35 12.79 9.98
N GLU A 26 -11.06 13.72 10.63
CA GLU A 26 -12.34 13.36 11.25
C GLU A 26 -13.37 12.95 10.21
N VAL A 27 -13.27 13.47 8.99
CA VAL A 27 -14.17 13.02 7.93
C VAL A 27 -13.88 11.57 7.57
N PHE A 28 -12.58 11.22 7.45
CA PHE A 28 -12.22 9.84 7.19
C PHE A 28 -12.70 8.93 8.32
N LEU A 29 -12.46 9.33 9.56
CA LEU A 29 -12.76 8.48 10.70
C LEU A 29 -14.24 8.41 11.03
N GLU A 30 -15.04 9.38 10.59
CA GLU A 30 -16.45 9.47 10.95
C GLU A 30 -16.65 9.61 12.45
N ASP A 31 -15.60 10.07 13.15
CA ASP A 31 -15.63 10.35 14.58
C ASP A 31 -14.80 11.60 14.83
N SER A 32 -14.93 12.14 16.04
CA SER A 32 -14.07 13.23 16.48
C SER A 32 -12.80 12.66 17.10
N VAL A 33 -11.73 13.47 17.09
CA VAL A 33 -10.45 13.07 17.64
CA VAL A 33 -10.44 13.08 17.63
C VAL A 33 -10.12 13.97 18.82
N VAL A 34 -9.41 13.40 19.79
CA VAL A 34 -8.94 14.13 20.96
C VAL A 34 -7.48 13.78 21.19
N TYR A 35 -6.69 14.78 21.54
CA TYR A 35 -5.24 14.64 21.67
C TYR A 35 -4.85 14.30 23.10
N LYS A 36 -4.10 13.21 23.25
CA LYS A 36 -3.60 12.75 24.54
CA LYS A 36 -3.59 12.77 24.55
C LYS A 36 -4.68 12.78 25.61
N PRO A 37 -5.68 11.91 25.52
CA PRO A 37 -6.63 11.77 26.62
C PRO A 37 -5.95 11.13 27.83
N LYS A 38 -6.36 11.57 29.02
CA LYS A 38 -5.75 11.08 30.24
C LYS A 38 -6.28 9.72 30.65
N GLY A 39 -7.43 9.31 30.14
CA GLY A 39 -8.00 8.02 30.46
C GLY A 39 -8.92 7.51 29.37
N PRO A 40 -9.41 6.28 29.53
CA PRO A 40 -10.25 5.69 28.48
C PRO A 40 -11.70 6.16 28.52
N GLU A 41 -12.19 6.58 29.67
CA GLU A 41 -13.58 6.99 29.80
CA GLU A 41 -13.59 6.97 29.80
C GLU A 41 -13.97 7.96 28.71
N GLY A 42 -15.08 7.67 28.03
CA GLY A 42 -15.61 8.54 27.00
C GLY A 42 -15.03 8.33 25.61
N LEU A 43 -14.07 7.44 25.45
CA LEU A 43 -13.42 7.19 24.17
C LEU A 43 -14.03 5.96 23.49
N SER A 44 -14.06 5.99 22.16
CA SER A 44 -14.49 4.85 21.38
C SER A 44 -13.33 4.09 20.76
N ALA A 45 -12.10 4.62 20.85
CA ALA A 45 -10.93 3.94 20.29
C ALA A 45 -9.73 4.86 20.47
N VAL A 46 -8.56 4.30 20.16
CA VAL A 46 -7.33 5.08 20.03
CA VAL A 46 -7.31 5.04 20.05
C VAL A 46 -6.72 4.73 18.69
N ALA A 47 -5.99 5.69 18.12
CA ALA A 47 -5.45 5.53 16.78
C ALA A 47 -4.00 5.99 16.74
N GLY A 48 -3.24 5.43 15.80
CA GLY A 48 -1.86 5.82 15.59
C GLY A 48 -1.46 5.59 14.14
N TRP A 49 -0.30 6.13 13.78
CA TRP A 49 0.17 6.13 12.40
C TRP A 49 1.46 5.33 12.32
N GLY A 50 1.40 4.16 11.68
CA GLY A 50 2.59 3.35 11.51
C GLY A 50 3.11 2.83 12.84
N TYR A 51 4.43 2.72 12.92
CA TYR A 51 5.09 2.18 14.11
C TYR A 51 6.10 3.15 14.69
N LYS A 52 5.92 4.44 14.47
CA LYS A 52 6.72 5.45 15.14
C LYS A 52 6.48 5.41 16.64
N SER A 53 7.27 6.18 17.37
CA SER A 53 7.21 6.17 18.83
C SER A 53 5.79 6.46 19.33
N THR A 54 5.19 7.56 18.85
CA THR A 54 3.86 7.92 19.33
C THR A 54 2.83 6.85 18.98
N ALA A 55 2.98 6.19 17.82
CA ALA A 55 2.02 5.17 17.43
C ALA A 55 2.10 3.97 18.37
N ARG A 56 3.31 3.55 18.74
N ARG A 56 3.31 3.56 18.75
CA ARG A 56 3.45 2.43 19.66
CA ARG A 56 3.43 2.42 19.66
C ARG A 56 2.93 2.76 21.05
C ARG A 56 2.94 2.77 21.05
N LYS A 57 2.99 4.04 21.43
CA LYS A 57 2.38 4.45 22.70
C LYS A 57 0.86 4.33 22.62
N ALA A 58 0.28 4.71 21.48
CA ALA A 58 -1.16 4.56 21.29
C ALA A 58 -1.57 3.09 21.36
N MET A 59 -0.80 2.21 20.72
CA MET A 59 -1.08 0.78 20.81
C MET A 59 -1.06 0.32 22.26
N GLN A 60 -0.09 0.79 23.04
CA GLN A 60 0.01 0.41 24.43
C GLN A 60 -1.21 0.88 25.23
N LYS A 61 -1.68 2.11 24.96
CA LYS A 61 -2.86 2.60 25.65
C LYS A 61 -4.11 1.81 25.26
N ALA A 62 -4.27 1.49 23.98
CA ALA A 62 -5.34 0.60 23.57
C ALA A 62 -5.30 -0.70 24.38
N ARG A 63 -4.11 -1.30 24.44
CA ARG A 63 -3.92 -2.51 25.23
C ARG A 63 -4.30 -2.28 26.68
N GLU A 64 -3.68 -1.27 27.31
CA GLU A 64 -3.99 -0.93 28.69
C GLU A 64 -5.49 -0.78 28.91
N TRP A 65 -6.11 0.08 28.12
CA TRP A 65 -7.47 0.53 28.34
C TRP A 65 -8.52 -0.42 27.76
N ARG A 66 -8.11 -1.48 27.09
CA ARG A 66 -9.05 -2.38 26.42
C ARG A 66 -9.96 -1.62 25.48
N LEU A 67 -9.33 -0.77 24.64
CA LEU A 67 -10.02 -0.07 23.58
C LEU A 67 -9.50 -0.55 22.22
N PRO A 68 -10.32 -0.48 21.18
CA PRO A 68 -9.82 -0.81 19.84
C PRO A 68 -8.70 0.12 19.43
N TYR A 69 -7.71 -0.42 18.73
CA TYR A 69 -6.63 0.38 18.15
C TYR A 69 -6.87 0.48 16.64
N LEU A 70 -6.98 1.71 16.15
CA LEU A 70 -7.18 1.97 14.73
C LEU A 70 -5.82 2.29 14.11
N ALA A 71 -5.34 1.38 13.25
CA ALA A 71 -4.12 1.61 12.49
C ALA A 71 -4.45 2.47 11.27
N LEU A 72 -3.82 3.64 11.18
CA LEU A 72 -4.06 4.57 10.09
C LEU A 72 -2.89 4.58 9.13
N GLU A 73 -3.19 4.59 7.83
CA GLU A 73 -2.17 4.68 6.79
C GLU A 73 -2.76 5.43 5.60
N ASP A 74 -1.88 5.90 4.73
CA ASP A 74 -2.34 6.44 3.45
C ASP A 74 -3.05 5.35 2.66
N GLY A 75 -4.08 5.75 1.93
CA GLY A 75 -4.78 4.83 1.06
C GLY A 75 -3.88 4.35 -0.07
N PHE A 76 -4.36 3.30 -0.76
CA PHE A 76 -3.60 2.75 -1.88
C PHE A 76 -3.56 3.73 -3.05
N LEU A 77 -4.63 4.50 -3.26
CA LEU A 77 -4.61 5.66 -4.15
C LEU A 77 -4.54 6.90 -3.27
N ARG A 78 -3.40 7.58 -3.29
CA ARG A 78 -3.14 8.63 -2.30
C ARG A 78 -3.35 10.04 -2.84
N SER A 79 -2.67 10.40 -3.93
CA SER A 79 -2.63 11.81 -4.30
C SER A 79 -1.97 11.97 -5.67
N VAL A 80 -1.97 13.21 -6.15
CA VAL A 80 -1.11 13.63 -7.25
C VAL A 80 0.08 14.31 -6.59
N GLY A 81 1.11 13.52 -6.30
CA GLY A 81 2.24 14.00 -5.53
C GLY A 81 2.63 13.05 -4.43
N LEU A 82 3.89 13.11 -3.99
CA LEU A 82 4.37 12.23 -2.93
C LEU A 82 3.76 12.65 -1.59
N GLY A 83 4.02 11.82 -0.58
CA GLY A 83 3.42 12.05 0.72
C GLY A 83 3.63 13.46 1.26
N HIS A 84 4.77 14.06 0.96
CA HIS A 84 5.11 15.39 1.47
C HIS A 84 4.60 16.51 0.57
N GLU A 85 3.79 16.20 -0.44
CA GLU A 85 3.33 17.20 -1.40
C GLU A 85 1.89 17.62 -1.20
N ALA A 86 1.05 16.76 -0.62
CA ALA A 86 -0.38 17.04 -0.53
C ALA A 86 -1.02 16.10 0.49
N PRO A 87 -2.24 16.37 0.94
CA PRO A 87 -2.91 15.44 1.87
C PRO A 87 -3.40 14.22 1.14
N PRO A 88 -3.63 13.11 1.85
CA PRO A 88 -4.10 11.90 1.18
C PRO A 88 -5.55 12.03 0.75
N LEU A 89 -5.86 11.45 -0.40
CA LEU A 89 -7.22 11.44 -0.92
C LEU A 89 -8.03 10.26 -0.40
N SER A 90 -7.36 9.21 0.09
CA SER A 90 -8.04 8.12 0.78
C SER A 90 -7.17 7.71 1.96
N LEU A 91 -7.82 7.09 2.95
CA LEU A 91 -7.17 6.73 4.20
C LEU A 91 -7.57 5.32 4.57
N ILE A 92 -6.58 4.53 4.98
CA ILE A 92 -6.84 3.19 5.50
C ILE A 92 -7.00 3.28 7.00
N VAL A 93 -8.10 2.72 7.51
CA VAL A 93 -8.42 2.74 8.93
C VAL A 93 -8.73 1.30 9.31
N ASP A 94 -7.79 0.64 9.98
CA ASP A 94 -7.89 -0.80 10.25
C ASP A 94 -8.02 -1.04 11.74
N PRO A 95 -9.19 -1.44 12.25
CA PRO A 95 -9.32 -1.72 13.68
C PRO A 95 -8.93 -3.14 14.08
N VAL A 96 -8.47 -3.97 13.15
CA VAL A 96 -8.08 -5.34 13.44
C VAL A 96 -6.56 -5.43 13.51
N GLY A 97 -5.90 -5.05 12.42
CA GLY A 97 -4.46 -5.01 12.37
C GLY A 97 -4.01 -3.95 11.38
N ILE A 98 -3.18 -4.33 10.41
CA ILE A 98 -2.87 -3.45 9.29
C ILE A 98 -2.43 -4.32 8.11
N TYR A 99 -2.72 -3.83 6.91
CA TYR A 99 -2.67 -4.70 5.72
C TYR A 99 -1.29 -5.30 5.51
N TYR A 100 -0.22 -4.55 5.79
CA TYR A 100 1.12 -5.04 5.52
C TYR A 100 1.69 -5.90 6.64
N ASP A 101 0.97 -6.06 7.74
CA ASP A 101 1.43 -6.88 8.87
C ASP A 101 0.90 -8.29 8.70
N ALA A 102 1.75 -9.19 8.17
CA ALA A 102 1.37 -10.57 7.94
C ALA A 102 1.46 -11.44 9.19
N THR A 103 1.90 -10.90 10.32
CA THR A 103 2.01 -11.69 11.54
C THR A 103 0.69 -11.82 12.29
N ARG A 104 -0.31 -11.00 11.95
CA ARG A 104 -1.62 -11.06 12.58
C ARG A 104 -2.70 -10.90 11.52
N PRO A 105 -3.96 -11.18 11.84
CA PRO A 105 -5.04 -10.79 10.93
C PRO A 105 -5.11 -9.28 10.78
N SER A 106 -5.63 -8.86 9.63
CA SER A 106 -6.01 -7.47 9.41
C SER A 106 -7.44 -7.47 8.88
N LEU A 107 -8.07 -6.29 8.87
CA LEU A 107 -9.40 -6.19 8.29
C LEU A 107 -9.39 -6.70 6.85
N LEU A 108 -8.37 -6.32 6.08
CA LEU A 108 -8.31 -6.75 4.68
C LEU A 108 -8.17 -8.25 4.57
N GLU A 109 -7.27 -8.83 5.36
CA GLU A 109 -7.10 -10.29 5.32
C GLU A 109 -8.39 -10.99 5.70
N ASN A 110 -9.13 -10.45 6.66
CA ASN A 110 -10.41 -11.03 7.05
C ASN A 110 -11.41 -10.97 5.90
N LEU A 111 -11.48 -9.83 5.21
CA LEU A 111 -12.35 -9.72 4.05
C LEU A 111 -12.02 -10.78 3.01
N LEU A 112 -10.73 -10.99 2.76
CA LEU A 112 -10.32 -11.94 1.73
C LEU A 112 -10.54 -13.38 2.18
N ASN A 113 -10.38 -13.66 3.47
CA ASN A 113 -10.50 -15.04 3.94
C ASN A 113 -11.95 -15.49 3.98
N PHE A 114 -12.85 -14.66 4.49
CA PHE A 114 -14.19 -15.11 4.87
C PHE A 114 -15.32 -14.44 4.10
N GLY A 115 -15.04 -13.46 3.25
CA GLY A 115 -16.08 -12.91 2.40
C GLY A 115 -17.05 -12.02 3.16
N GLY A 116 -18.32 -12.08 2.74
CA GLY A 116 -19.34 -11.19 3.25
C GLY A 116 -19.63 -9.99 2.38
N TRP A 117 -19.07 -9.92 1.17
CA TRP A 117 -19.12 -8.72 0.36
C TRP A 117 -19.21 -8.96 -1.14
N GLU A 118 -19.07 -10.20 -1.62
CA GLU A 118 -19.03 -10.46 -3.06
C GLU A 118 -20.44 -10.46 -3.62
N THR A 119 -20.79 -9.39 -4.33
CA THR A 119 -22.08 -9.28 -4.98
C THR A 119 -21.87 -8.94 -6.45
N PRO A 120 -22.82 -9.32 -7.31
CA PRO A 120 -22.72 -8.90 -8.72
C PRO A 120 -22.54 -7.40 -8.88
N GLU A 121 -23.18 -6.61 -8.01
CA GLU A 121 -23.11 -5.17 -8.13
C GLU A 121 -21.72 -4.66 -7.76
N LEU A 122 -21.13 -5.18 -6.68
CA LEU A 122 -19.78 -4.74 -6.30
C LEU A 122 -18.77 -5.16 -7.36
N MET A 123 -18.84 -6.42 -7.80
CA MET A 123 -17.87 -6.91 -8.78
C MET A 123 -17.96 -6.12 -10.08
N ASP A 124 -19.15 -5.65 -10.44
CA ASP A 124 -19.26 -4.76 -11.61
C ASP A 124 -18.53 -3.45 -11.36
N GLN A 125 -18.73 -2.85 -10.18
CA GLN A 125 -17.97 -1.66 -9.83
C GLN A 125 -16.47 -1.91 -9.90
N ALA A 126 -16.02 -3.05 -9.37
CA ALA A 126 -14.59 -3.36 -9.37
C ALA A 126 -14.05 -3.45 -10.79
N GLU A 127 -14.79 -4.08 -11.70
CA GLU A 127 -14.37 -4.13 -13.09
C GLU A 127 -14.24 -2.73 -13.67
N ARG A 128 -15.21 -1.85 -13.39
CA ARG A 128 -15.17 -0.49 -13.92
CA ARG A 128 -15.16 -0.50 -13.93
C ARG A 128 -13.96 0.27 -13.38
N ALA A 129 -13.74 0.21 -12.06
CA ALA A 129 -12.62 0.93 -11.47
C ALA A 129 -11.29 0.41 -11.97
N LEU A 130 -11.17 -0.92 -12.09
CA LEU A 130 -9.92 -1.50 -12.56
C LEU A 130 -9.60 -1.06 -13.98
N LYS A 131 -10.61 -1.05 -14.86
CA LYS A 131 -10.38 -0.61 -16.23
C LYS A 131 -9.94 0.85 -16.28
N LEU A 132 -10.59 1.71 -15.49
CA LEU A 132 -10.22 3.12 -15.49
C LEU A 132 -8.78 3.31 -15.00
N ILE A 133 -8.39 2.58 -13.96
CA ILE A 133 -7.03 2.70 -13.44
C ILE A 133 -6.01 2.23 -14.47
N ARG A 134 -6.30 1.13 -15.16
CA ARG A 134 -5.40 0.64 -16.20
CA ARG A 134 -5.39 0.65 -16.19
C ARG A 134 -5.32 1.63 -17.36
N ASP A 135 -6.48 2.08 -17.84
CA ASP A 135 -6.50 2.95 -19.02
C ASP A 135 -5.80 4.27 -18.77
N HIS A 136 -6.01 4.86 -17.60
CA HIS A 136 -5.43 6.16 -17.28
C HIS A 136 -4.11 6.07 -16.54
N LYS A 137 -3.54 4.87 -16.43
CA LYS A 137 -2.23 4.67 -15.82
C LYS A 137 -2.15 5.33 -14.44
N ILE A 138 -3.14 4.99 -13.60
CA ILE A 138 -3.25 5.55 -12.26
C ILE A 138 -2.49 4.67 -11.29
N SER A 139 -1.91 5.29 -10.27
CA SER A 139 -1.13 4.57 -9.26
C SER A 139 -1.28 5.31 -7.93
N LYS A 140 -0.41 4.99 -6.97
CA LYS A 140 -0.51 5.60 -5.65
C LYS A 140 -0.26 7.10 -5.70
N TYR A 141 0.81 7.52 -6.38
CA TYR A 141 1.27 8.90 -6.33
C TYR A 141 0.99 9.71 -7.59
N ASN A 142 0.91 9.08 -8.75
CA ASN A 142 0.54 9.76 -10.00
C ASN A 142 1.44 10.98 -10.26
N ARG A 143 2.73 10.71 -10.44
CA ARG A 143 3.69 11.78 -10.67
C ARG A 143 4.59 11.50 -11.86
N GLY A 144 4.94 10.23 -12.07
CA GLY A 144 6.00 9.92 -13.00
C GLY A 144 5.71 10.38 -14.41
N LYS A 145 6.77 10.40 -15.21
CA LYS A 145 6.69 10.71 -16.62
C LYS A 145 6.58 9.42 -17.44
N PRO A 146 6.10 9.50 -18.67
CA PRO A 146 6.03 8.30 -19.51
C PRO A 146 7.41 7.77 -19.84
N VAL A 147 7.48 6.46 -20.09
CA VAL A 147 8.71 5.84 -20.58
C VAL A 147 8.80 6.14 -22.07
N PRO A 148 9.83 6.85 -22.53
CA PRO A 148 9.91 7.18 -23.96
C PRO A 148 10.14 5.94 -24.81
N ARG A 149 9.60 5.97 -26.02
CA ARG A 149 9.87 4.91 -26.97
C ARG A 149 11.35 4.93 -27.34
N GLY A 150 11.94 3.73 -27.47
CA GLY A 150 13.36 3.59 -27.67
C GLY A 150 14.15 3.37 -26.40
N TYR A 151 13.54 3.59 -25.23
CA TYR A 151 14.22 3.30 -23.98
C TYR A 151 14.55 1.82 -23.86
N PHE A 152 13.58 0.96 -24.20
CA PHE A 152 13.75 -0.49 -24.15
C PHE A 152 13.88 -1.05 -25.56
N THR A 153 14.75 -2.04 -25.71
CA THR A 153 14.90 -2.71 -27.00
C THR A 153 13.71 -3.62 -27.26
N PRO A 154 13.09 -3.56 -28.43
CA PRO A 154 11.95 -4.44 -28.71
C PRO A 154 12.32 -5.92 -28.56
N TYR A 155 11.44 -6.66 -27.89
CA TYR A 155 11.52 -8.12 -27.79
C TYR A 155 12.73 -8.61 -27.03
N ARG A 156 13.48 -7.72 -26.39
CA ARG A 156 14.64 -8.13 -25.59
C ARG A 156 14.17 -8.69 -24.26
N GLU A 157 14.70 -9.86 -23.89
CA GLU A 157 14.33 -10.48 -22.63
C GLU A 157 14.84 -9.63 -21.47
N ARG A 158 13.97 -9.37 -20.49
CA ARG A 158 14.31 -8.50 -19.38
C ARG A 158 13.31 -8.69 -18.25
N VAL A 159 13.78 -8.51 -17.03
CA VAL A 159 12.94 -8.58 -15.83
C VAL A 159 13.16 -7.32 -15.01
N LEU A 160 12.22 -7.06 -14.10
CA LEU A 160 12.23 -5.84 -13.29
C LEU A 160 12.26 -6.21 -11.81
N LEU A 161 13.19 -5.62 -11.07
CA LEU A 161 13.27 -5.74 -9.63
C LEU A 161 12.80 -4.43 -9.00
N ILE A 162 11.92 -4.52 -8.02
CA ILE A 162 11.35 -3.35 -7.35
CA ILE A 162 11.35 -3.35 -7.34
C ILE A 162 12.15 -3.10 -6.08
N ASP A 163 12.70 -1.89 -5.95
CA ASP A 163 13.39 -1.49 -4.74
C ASP A 163 12.41 -0.76 -3.83
N GLN A 164 12.74 -0.72 -2.54
CA GLN A 164 11.89 -0.09 -1.54
C GLN A 164 12.73 0.85 -0.69
N THR A 165 12.06 1.56 0.22
CA THR A 165 12.71 2.53 1.09
C THR A 165 13.17 1.85 2.37
N TYR A 166 14.37 2.20 2.81
CA TYR A 166 14.86 1.64 4.06
C TYR A 166 13.97 2.10 5.21
N GLY A 167 13.66 1.17 6.11
CA GLY A 167 12.74 1.41 7.19
C GLY A 167 11.30 1.07 6.88
N ASP A 168 11.01 0.60 5.67
CA ASP A 168 9.67 0.20 5.28
C ASP A 168 9.18 -0.94 6.17
N MET A 169 8.18 -0.69 7.01
CA MET A 169 7.70 -1.72 7.93
C MET A 169 7.13 -2.92 7.20
N SER A 170 6.69 -2.77 5.94
CA SER A 170 6.11 -3.90 5.22
C SER A 170 7.13 -4.98 4.92
N VAL A 171 8.42 -4.69 5.05
CA VAL A 171 9.45 -5.71 4.83
C VAL A 171 9.48 -6.71 5.98
N ARG A 172 9.82 -6.22 7.18
CA ARG A 172 9.97 -7.14 8.31
C ARG A 172 8.62 -7.66 8.78
N LEU A 173 7.57 -6.82 8.74
CA LEU A 173 6.24 -7.35 9.03
C LEU A 173 5.68 -8.18 7.88
N GLY A 174 6.34 -8.17 6.71
CA GLY A 174 6.02 -9.10 5.66
C GLY A 174 6.92 -10.33 5.69
N LEU A 175 7.52 -10.59 6.85
CA LEU A 175 8.29 -11.80 7.11
C LEU A 175 9.65 -11.82 6.42
N ALA A 176 10.12 -10.66 5.95
CA ALA A 176 11.41 -10.55 5.28
C ALA A 176 12.35 -9.70 6.13
N ASP A 177 13.54 -9.40 5.59
CA ASP A 177 14.45 -8.47 6.23
C ASP A 177 15.30 -7.81 5.16
N GLU A 178 16.34 -7.09 5.60
CA GLU A 178 17.15 -6.30 4.69
C GLU A 178 17.87 -7.20 3.69
N ASP A 179 18.31 -8.38 4.13
CA ASP A 179 19.07 -9.27 3.27
C ASP A 179 18.20 -10.01 2.26
N THR A 180 16.87 -9.99 2.44
CA THR A 180 15.99 -10.58 1.43
C THR A 180 16.15 -9.90 0.09
N PHE A 181 16.47 -8.61 0.07
CA PHE A 181 16.66 -7.91 -1.20
C PHE A 181 17.87 -8.44 -1.96
N ARG A 182 18.94 -8.79 -1.23
N ARG A 182 18.93 -8.78 -1.23
CA ARG A 182 20.10 -9.39 -1.88
CA ARG A 182 20.10 -9.40 -1.84
C ARG A 182 19.76 -10.78 -2.42
C ARG A 182 19.76 -10.77 -2.41
N GLU A 183 19.02 -11.58 -1.64
CA GLU A 183 18.59 -12.88 -2.13
C GLU A 183 17.71 -12.74 -3.37
N MET A 184 16.81 -11.76 -3.36
CA MET A 184 15.95 -11.53 -4.51
C MET A 184 16.77 -11.23 -5.77
N TYR A 185 17.82 -10.42 -5.62
CA TYR A 185 18.65 -10.07 -6.76
C TYR A 185 19.31 -11.30 -7.37
N PHE A 186 20.02 -12.08 -6.54
CA PHE A 186 20.76 -13.21 -7.07
C PHE A 186 19.85 -14.34 -7.50
N ALA A 187 18.65 -14.42 -6.91
CA ALA A 187 17.66 -15.38 -7.40
C ALA A 187 17.19 -15.00 -8.79
N ALA A 188 16.99 -13.71 -9.05
CA ALA A 188 16.61 -13.27 -10.38
C ALA A 188 17.71 -13.55 -11.40
N LEU A 189 18.97 -13.29 -11.02
CA LEU A 189 20.09 -13.62 -11.89
C LEU A 189 20.07 -15.10 -12.27
N GLU A 190 19.92 -15.97 -11.27
CA GLU A 190 20.03 -17.41 -11.53
C GLU A 190 18.88 -17.90 -12.40
N GLU A 191 17.69 -17.33 -12.21
CA GLU A 191 16.52 -17.79 -12.95
C GLU A 191 16.44 -17.22 -14.36
N ASN A 192 17.08 -16.09 -14.63
CA ASN A 192 16.95 -15.40 -15.91
C ASN A 192 18.33 -15.13 -16.50
N PRO A 193 19.09 -16.20 -16.79
CA PRO A 193 20.48 -15.99 -17.26
C PRO A 193 20.58 -15.17 -18.52
N GLY A 194 19.62 -15.27 -19.43
CA GLY A 194 19.69 -14.56 -20.69
C GLY A 194 19.02 -13.21 -20.72
N ALA A 195 18.49 -12.74 -19.60
CA ALA A 195 17.68 -11.53 -19.55
C ALA A 195 18.50 -10.34 -19.07
N GLU A 196 18.09 -9.15 -19.51
CA GLU A 196 18.58 -7.91 -18.92
C GLU A 196 17.89 -7.70 -17.57
N ILE A 197 18.63 -7.15 -16.62
CA ILE A 197 18.15 -6.95 -15.26
C ILE A 197 17.99 -5.45 -15.03
N TYR A 198 16.77 -5.04 -14.70
CA TYR A 198 16.48 -3.64 -14.35
C TYR A 198 16.03 -3.55 -12.90
N VAL A 199 16.52 -2.52 -12.21
CA VAL A 199 16.13 -2.22 -10.85
C VAL A 199 15.49 -0.83 -10.84
N LYS A 200 14.27 -0.75 -10.29
CA LYS A 200 13.55 0.52 -10.20
C LYS A 200 13.70 1.05 -8.79
N VAL A 201 14.38 2.20 -8.66
CA VAL A 201 14.55 2.84 -7.37
C VAL A 201 13.23 3.50 -6.94
N HIS A 202 12.99 3.51 -5.64
CA HIS A 202 11.74 4.04 -5.11
C HIS A 202 11.72 5.57 -5.26
N PRO A 203 10.57 6.16 -5.58
CA PRO A 203 10.55 7.62 -5.79
C PRO A 203 11.03 8.43 -4.58
N GLU A 204 10.71 8.00 -3.36
CA GLU A 204 11.18 8.71 -2.19
C GLU A 204 12.71 8.67 -2.09
N VAL A 205 13.34 7.65 -2.66
CA VAL A 205 14.79 7.59 -2.69
C VAL A 205 15.34 8.45 -3.82
N ILE A 206 14.62 8.51 -4.94
CA ILE A 206 15.03 9.37 -6.05
C ILE A 206 15.09 10.82 -5.60
N VAL A 207 14.07 11.27 -4.86
CA VAL A 207 14.02 12.65 -4.40
C VAL A 207 14.90 12.89 -3.19
N GLY A 208 15.67 11.89 -2.75
CA GLY A 208 16.65 12.08 -1.71
C GLY A 208 16.10 12.14 -0.29
N ARG A 209 14.84 11.79 -0.09
CA ARG A 209 14.27 11.79 1.25
C ARG A 209 14.58 10.53 2.04
N LYS A 210 14.90 9.43 1.35
CA LYS A 210 15.17 8.15 1.99
C LYS A 210 16.29 7.45 1.26
N LYS A 211 16.79 6.39 1.87
CA LYS A 211 17.74 5.47 1.25
C LYS A 211 17.01 4.19 0.86
N GLY A 212 17.59 3.47 -0.11
CA GLY A 212 17.01 2.26 -0.64
C GLY A 212 17.83 1.03 -0.28
N TYR A 213 17.23 -0.13 -0.50
CA TYR A 213 17.93 -1.39 -0.27
C TYR A 213 18.85 -1.73 -1.44
N LEU A 214 18.27 -1.95 -2.62
CA LEU A 214 19.06 -2.26 -3.80
C LEU A 214 19.83 -1.04 -4.28
N ALA A 215 19.31 0.16 -4.05
CA ALA A 215 19.96 1.36 -4.55
C ALA A 215 21.33 1.57 -3.92
N ARG A 216 21.53 1.07 -2.70
CA ARG A 216 22.81 1.21 -2.01
C ARG A 216 23.80 0.09 -2.31
N MET A 217 23.35 -0.99 -2.94
CA MET A 217 24.24 -2.10 -3.23
CA MET A 217 24.23 -2.11 -3.24
C MET A 217 25.11 -1.80 -4.45
N LYS A 218 26.25 -2.47 -4.51
CA LYS A 218 27.13 -2.44 -5.68
C LYS A 218 26.81 -3.68 -6.50
N LEU A 219 26.02 -3.50 -7.55
CA LEU A 219 25.59 -4.61 -8.40
C LEU A 219 26.48 -4.70 -9.64
N HIS A 220 26.37 -5.83 -10.33
CA HIS A 220 27.11 -6.01 -11.57
C HIS A 220 26.83 -4.85 -12.52
N ARG A 221 27.87 -4.42 -13.25
CA ARG A 221 27.74 -3.26 -14.10
C ARG A 221 26.68 -3.43 -15.18
N SER A 222 26.36 -4.66 -15.56
CA SER A 222 25.34 -4.90 -16.58
C SER A 222 23.94 -4.65 -16.05
N VAL A 223 23.76 -4.60 -14.73
CA VAL A 223 22.46 -4.33 -14.16
C VAL A 223 22.14 -2.85 -14.34
N LYS A 224 20.94 -2.55 -14.83
CA LYS A 224 20.52 -1.19 -15.13
C LYS A 224 19.62 -0.70 -13.99
N VAL A 225 20.13 0.26 -13.22
CA VAL A 225 19.41 0.81 -12.07
C VAL A 225 18.70 2.07 -12.53
N ILE A 226 17.38 2.07 -12.43
CA ILE A 226 16.55 3.14 -12.97
C ILE A 226 16.31 4.16 -11.87
N ARG A 227 16.82 5.38 -12.07
CA ARG A 227 16.60 6.48 -11.16
C ARG A 227 15.80 7.60 -11.80
N GLU A 228 15.30 7.40 -13.02
CA GLU A 228 14.36 8.31 -13.61
C GLU A 228 12.97 8.06 -13.04
N GLU A 229 12.20 9.14 -12.88
CA GLU A 229 10.92 9.07 -12.21
C GLU A 229 9.82 8.73 -13.22
N PHE A 230 9.86 7.48 -13.67
CA PHE A 230 8.87 6.98 -14.61
C PHE A 230 7.56 6.70 -13.92
N ASN A 231 6.47 6.89 -14.65
CA ASN A 231 5.17 6.43 -14.20
C ASN A 231 5.25 4.93 -13.96
N PRO A 232 4.97 4.44 -12.75
CA PRO A 232 5.24 3.02 -12.46
C PRO A 232 4.44 2.05 -13.32
N VAL A 233 3.17 2.35 -13.60
CA VAL A 233 2.36 1.41 -14.38
C VAL A 233 2.75 1.46 -15.86
N ASP A 234 3.26 2.60 -16.34
CA ASP A 234 3.85 2.64 -17.68
C ASP A 234 5.12 1.80 -17.72
N LEU A 235 5.99 1.95 -16.71
CA LEU A 235 7.20 1.16 -16.65
C LEU A 235 6.89 -0.33 -16.63
N LEU A 236 5.87 -0.73 -15.84
CA LEU A 236 5.55 -2.14 -15.70
C LEU A 236 5.11 -2.77 -17.02
N SER A 237 4.50 -1.98 -17.91
CA SER A 237 3.98 -2.53 -19.15
C SER A 237 5.08 -3.12 -20.03
N HIS A 238 6.34 -2.76 -19.77
CA HIS A 238 7.45 -3.23 -20.59
C HIS A 238 8.08 -4.52 -20.08
N PHE A 239 7.49 -5.13 -19.05
CA PHE A 239 8.00 -6.37 -18.49
C PHE A 239 6.87 -7.39 -18.37
N ASP A 240 7.25 -8.66 -18.36
CA ASP A 240 6.31 -9.75 -18.06
C ASP A 240 6.49 -10.29 -16.65
N ARG A 241 7.69 -10.20 -16.10
CA ARG A 241 8.03 -10.83 -14.82
C ARG A 241 8.59 -9.77 -13.87
N ILE A 242 8.01 -9.66 -12.69
CA ILE A 242 8.39 -8.65 -11.70
C ILE A 242 8.85 -9.35 -10.44
N TYR A 243 9.89 -8.80 -9.82
CA TYR A 243 10.42 -9.29 -8.55
C TYR A 243 10.22 -8.22 -7.48
N THR A 244 9.67 -8.63 -6.33
CA THR A 244 9.41 -7.70 -5.24
C THR A 244 9.48 -8.43 -3.91
N VAL A 245 9.83 -7.69 -2.85
CA VAL A 245 9.79 -8.20 -1.49
C VAL A 245 8.39 -7.98 -0.95
N SER A 246 8.00 -6.70 -0.79
CA SER A 246 6.70 -6.39 -0.21
C SER A 246 6.10 -5.08 -0.73
N SER A 247 6.57 -4.55 -1.85
CA SER A 247 6.13 -3.24 -2.32
C SER A 247 4.70 -3.29 -2.85
N GLN A 248 3.97 -2.19 -2.65
CA GLN A 248 2.66 -2.04 -3.27
C GLN A 248 2.76 -2.08 -4.79
N MET A 249 3.92 -1.73 -5.34
CA MET A 249 4.09 -1.77 -6.78
C MET A 249 3.95 -3.19 -7.33
N GLY A 250 4.17 -4.19 -6.48
CA GLY A 250 3.90 -5.57 -6.90
C GLY A 250 2.44 -5.80 -7.21
N PHE A 251 1.55 -5.21 -6.40
CA PHE A 251 0.13 -5.33 -6.69
C PHE A 251 -0.26 -4.54 -7.92
N GLU A 252 0.36 -3.38 -8.13
CA GLU A 252 0.12 -2.62 -9.35
C GLU A 252 0.52 -3.44 -10.58
N GLY A 253 1.59 -4.21 -10.47
CA GLY A 253 1.94 -5.13 -11.54
C GLY A 253 0.94 -6.26 -11.69
N LEU A 254 0.47 -6.80 -10.56
CA LEU A 254 -0.54 -7.85 -10.60
C LEU A 254 -1.82 -7.35 -11.28
N MET A 255 -2.20 -6.10 -11.00
CA MET A 255 -3.39 -5.53 -11.62
C MET A 255 -3.25 -5.45 -13.13
N LEU A 256 -2.03 -5.39 -13.64
CA LEU A 256 -1.78 -5.39 -15.08
C LEU A 256 -1.54 -6.78 -15.64
N GLY A 257 -1.75 -7.83 -14.83
CA GLY A 257 -1.61 -9.19 -15.32
C GLY A 257 -0.19 -9.71 -15.41
N LYS A 258 0.76 -9.06 -14.75
CA LYS A 258 2.14 -9.50 -14.79
C LYS A 258 2.36 -10.67 -13.83
N GLU A 259 3.44 -11.41 -14.08
CA GLU A 259 3.88 -12.45 -13.16
C GLU A 259 4.68 -11.79 -12.04
N VAL A 260 4.20 -11.92 -10.81
CA VAL A 260 4.77 -11.24 -9.65
C VAL A 260 5.38 -12.28 -8.73
N ILE A 261 6.69 -12.20 -8.52
CA ILE A 261 7.42 -13.12 -7.67
C ILE A 261 7.71 -12.40 -6.36
N CYS A 262 7.08 -12.85 -5.28
CA CYS A 262 7.14 -12.18 -3.99
C CYS A 262 8.12 -12.90 -3.08
N PHE A 263 9.05 -12.14 -2.50
CA PHE A 263 10.01 -12.69 -1.54
C PHE A 263 9.64 -12.39 -0.10
N GLY A 264 8.73 -11.44 0.13
CA GLY A 264 8.05 -11.31 1.39
C GLY A 264 6.60 -11.75 1.29
N MET A 265 5.83 -11.39 2.32
CA MET A 265 4.40 -11.72 2.38
C MET A 265 3.59 -10.43 2.48
N PRO A 266 3.52 -9.65 1.39
CA PRO A 266 2.69 -8.44 1.40
C PRO A 266 1.20 -8.75 1.41
N PHE A 267 0.36 -7.72 1.42
CA PHE A 267 -1.07 -7.92 1.61
C PHE A 267 -1.67 -8.74 0.48
N TYR A 268 -1.08 -8.70 -0.71
CA TYR A 268 -1.62 -9.37 -1.88
C TYR A 268 -0.99 -10.74 -2.13
N ALA A 269 -0.04 -11.16 -1.31
CA ALA A 269 0.59 -12.46 -1.44
C ALA A 269 -0.19 -13.52 -0.65
N GLY A 270 0.02 -14.77 -1.03
CA GLY A 270 -0.58 -15.89 -0.32
C GLY A 270 -2.03 -16.18 -0.66
N TRP A 271 -2.55 -15.59 -1.74
CA TRP A 271 -3.93 -15.82 -2.16
C TRP A 271 -4.02 -16.64 -3.44
N GLY A 272 -2.89 -17.13 -3.94
CA GLY A 272 -2.86 -17.94 -5.14
C GLY A 272 -2.56 -17.18 -6.42
N LEU A 273 -2.27 -15.88 -6.33
CA LEU A 273 -2.02 -15.06 -7.51
C LEU A 273 -0.54 -14.74 -7.71
N THR A 274 0.30 -15.10 -6.75
CA THR A 274 1.72 -14.74 -6.78
C THR A 274 2.57 -15.99 -6.58
N ARG A 275 3.84 -15.88 -6.97
CA ARG A 275 4.82 -16.91 -6.69
C ARG A 275 5.50 -16.52 -5.37
N ASP A 276 5.19 -17.25 -4.31
CA ASP A 276 5.52 -16.86 -2.95
C ASP A 276 6.71 -17.64 -2.43
N GLY A 277 7.71 -16.92 -1.92
CA GLY A 277 8.80 -17.51 -1.18
C GLY A 277 8.55 -17.64 0.30
N LYS A 278 7.48 -17.02 0.78
CA LYS A 278 7.05 -17.12 2.17
C LYS A 278 5.71 -17.83 2.24
N ARG A 279 5.36 -18.30 3.43
CA ARG A 279 4.12 -19.01 3.67
C ARG A 279 3.32 -18.25 4.73
N CYS A 280 2.00 -18.29 4.58
CA CYS A 280 1.08 -17.70 5.56
C CYS A 280 -0.12 -18.65 5.66
N GLU A 281 -0.03 -19.60 6.60
CA GLU A 281 -1.07 -20.62 6.73
C GLU A 281 -2.42 -20.01 7.08
N ARG A 282 -2.45 -18.83 7.69
CA ARG A 282 -3.71 -18.20 8.06
C ARG A 282 -4.51 -17.77 6.84
N ARG A 283 -3.87 -17.60 5.69
CA ARG A 283 -4.55 -17.23 4.46
C ARG A 283 -4.89 -18.50 3.70
N LYS A 284 -6.17 -18.85 3.65
CA LYS A 284 -6.62 -20.13 3.11
C LYS A 284 -7.43 -19.99 1.84
N ARG A 285 -8.29 -19.00 1.74
CA ARG A 285 -9.18 -18.85 0.58
C ARG A 285 -8.40 -18.33 -0.62
N ARG A 286 -8.56 -19.01 -1.75
CA ARG A 286 -7.98 -18.54 -3.01
C ARG A 286 -8.86 -17.44 -3.57
N ARG A 287 -8.22 -16.40 -4.13
CA ARG A 287 -8.93 -15.25 -4.65
C ARG A 287 -8.46 -14.93 -6.06
N THR A 288 -9.40 -14.46 -6.88
CA THR A 288 -9.07 -13.92 -8.19
C THR A 288 -8.52 -12.51 -8.05
N LEU A 289 -7.87 -12.05 -9.12
CA LEU A 289 -7.36 -10.68 -9.11
C LEU A 289 -8.48 -9.68 -8.90
N LEU A 290 -9.60 -9.87 -9.61
CA LEU A 290 -10.71 -8.95 -9.45
C LEU A 290 -11.24 -8.94 -8.03
N GLU A 291 -11.32 -10.11 -7.40
CA GLU A 291 -11.80 -10.17 -6.02
C GLU A 291 -10.81 -9.49 -5.08
N LEU A 292 -9.52 -9.76 -5.24
CA LEU A 292 -8.50 -9.11 -4.41
C LEU A 292 -8.56 -7.60 -4.59
N PHE A 293 -8.65 -7.14 -5.84
CA PHE A 293 -8.73 -5.71 -6.10
C PHE A 293 -9.99 -5.09 -5.48
N ALA A 294 -11.13 -5.78 -5.58
CA ALA A 294 -12.37 -5.24 -5.04
C ALA A 294 -12.26 -5.00 -3.54
N ALA A 295 -11.77 -5.98 -2.79
CA ALA A 295 -11.61 -5.81 -1.35
C ALA A 295 -10.55 -4.77 -1.02
N ALA A 296 -9.40 -4.84 -1.69
CA ALA A 296 -8.27 -4.02 -1.28
C ALA A 296 -8.45 -2.56 -1.66
N TYR A 297 -9.02 -2.29 -2.85
CA TYR A 297 -9.11 -0.92 -3.34
C TYR A 297 -10.49 -0.31 -3.21
N LEU A 298 -11.56 -1.09 -3.28
CA LEU A 298 -12.91 -0.52 -3.17
C LEU A 298 -13.43 -0.52 -1.73
N LEU A 299 -13.34 -1.66 -1.04
CA LEU A 299 -13.95 -1.80 0.28
C LEU A 299 -13.05 -1.34 1.41
N TYR A 300 -11.75 -1.65 1.34
CA TYR A 300 -10.88 -1.47 2.50
C TYR A 300 -10.60 -0.01 2.78
N PRO A 301 -10.18 0.81 1.82
CA PRO A 301 -9.87 2.22 2.13
C PRO A 301 -11.13 3.06 2.27
N ARG A 302 -10.97 4.19 2.94
CA ARG A 302 -12.03 5.19 3.06
C ARG A 302 -11.70 6.36 2.16
N TYR A 303 -12.59 6.64 1.21
CA TYR A 303 -12.38 7.69 0.23
C TYR A 303 -13.19 8.93 0.57
N ILE A 304 -12.61 10.09 0.27
CA ILE A 304 -13.32 11.37 0.33
CA ILE A 304 -13.33 11.36 0.33
C ILE A 304 -13.53 11.84 -1.10
N ASN A 305 -14.61 12.58 -1.30
CA ASN A 305 -14.82 13.22 -2.58
C ASN A 305 -13.95 14.47 -2.62
N PRO A 306 -12.85 14.48 -3.38
CA PRO A 306 -11.94 15.64 -3.31
C PRO A 306 -12.61 16.95 -3.63
N ALA A 307 -13.69 16.93 -4.41
CA ALA A 307 -14.35 18.15 -4.84
C ALA A 307 -15.26 18.75 -3.76
N THR A 308 -15.70 17.94 -2.80
CA THR A 308 -16.63 18.39 -1.78
C THR A 308 -16.09 18.29 -0.36
N GLY A 309 -15.02 17.53 -0.14
CA GLY A 309 -14.52 17.30 1.20
C GLY A 309 -15.38 16.38 2.05
N LYS A 310 -16.35 15.70 1.46
CA LYS A 310 -17.23 14.79 2.16
C LYS A 310 -16.93 13.34 1.79
N PRO A 311 -17.42 12.38 2.57
CA PRO A 311 -17.16 10.97 2.26
C PRO A 311 -17.61 10.61 0.85
N GLY A 312 -16.78 9.82 0.17
CA GLY A 312 -17.07 9.39 -1.19
C GLY A 312 -16.65 7.97 -1.47
N ASN A 313 -16.34 7.68 -2.73
CA ASN A 313 -15.95 6.33 -3.14
C ASN A 313 -14.76 6.45 -4.09
N ILE A 314 -14.27 5.28 -4.54
CA ILE A 314 -13.07 5.25 -5.35
C ILE A 314 -13.25 6.03 -6.64
N PHE A 315 -14.47 6.06 -7.18
CA PHE A 315 -14.70 6.75 -8.45
C PHE A 315 -14.58 8.26 -8.30
N ASP A 316 -14.84 8.80 -7.11
CA ASP A 316 -14.63 10.23 -6.90
C ASP A 316 -13.16 10.58 -6.99
N VAL A 317 -12.29 9.73 -6.44
CA VAL A 317 -10.86 9.99 -6.48
C VAL A 317 -10.31 9.74 -7.89
N ILE A 318 -10.79 8.68 -8.55
CA ILE A 318 -10.35 8.42 -9.92
C ILE A 318 -10.65 9.63 -10.80
N ASN A 319 -11.90 10.09 -10.79
CA ASN A 319 -12.26 11.25 -11.60
C ASN A 319 -11.40 12.46 -11.25
N HIS A 320 -11.01 12.60 -9.99
CA HIS A 320 -10.13 13.69 -9.60
C HIS A 320 -8.72 13.49 -10.15
N LEU A 321 -8.22 12.26 -10.11
CA LEU A 321 -6.87 11.99 -10.61
C LEU A 321 -6.79 12.16 -12.12
N ILE A 322 -7.87 11.88 -12.84
CA ILE A 322 -7.86 12.06 -14.29
C ILE A 322 -7.68 13.54 -14.64
N GLY A 323 -8.39 14.41 -13.94
CA GLY A 323 -8.32 15.84 -14.20
C GLY A 323 -7.18 16.51 -13.45
#